data_5V61
#
_entry.id   5V61
#
_cell.length_a   42.217
_cell.length_b   78.328
_cell.length_c   152.187
_cell.angle_alpha   90.00
_cell.angle_beta   90.00
_cell.angle_gamma   90.00
#
_symmetry.space_group_name_H-M   'P 21 21 21'
#
loop_
_entity.id
_entity.type
_entity.pdbx_description
1 polymer 'Mitogen-activated protein kinase 1'
2 polymer 'Ribosomal protein S6 kinase alpha-1,Protein Tat'
3 non-polymer GLYCEROL
4 non-polymer 5-(2-PHENYLPYRAZOLO[1,5-A]PYRIDIN-3-YL)-1H-PYRAZOLO[3,4-C]PYRIDAZIN-3-AMINE
5 non-polymer '2-oxo-6,9,12,15-tetraoxa-3-azaoctadecan-18-oic acid'
6 water water
#
loop_
_entity_poly.entity_id
_entity_poly.type
_entity_poly.pdbx_seq_one_letter_code
_entity_poly.pdbx_strand_id
1 'polypeptide(L)'
;GPGGAGPEMVRGQVFDVGPRYTNLSYIGEGAYGMVCSAYDNVNKVRVAIKKISPFEHQTYCQRTLREIKILLRFRHENII
GINDIIRAPTIEQMKDVYIVQDLMETDLYKLLKTQHLSNDHICYFLYQILRGLKYIHSANVLHRDLKPSNLLLNTTCDLK
ICDFGLARVADPDHDHTGFL(TPO)E(PTR)VATRWYRAPEIMLNSKGYTKSIDIWSVGCILAEMLSNRPIFPGKHYLDQ
LNHILGILGSPSQEDLNCIINLKARNYLLSLPHKNKVPWNRLFPNADSKALDLLDKMLTFNPHKRIEVEQALAHPYLEQY
YDPSDEPIAEAPFKFDMELDDLPKEKLKELIFEETARFQPGYRS
;
A
2 'polypeptide(L)' TAQLKPIESSILAQRRVRKRKKRRQRRR I
#
loop_
_chem_comp.id
_chem_comp.type
_chem_comp.name
_chem_comp.formula
90A non-polymer '2-oxo-6,9,12,15-tetraoxa-3-azaoctadecan-18-oic acid' 'C13 H25 N O7'
FRZ non-polymer 5-(2-PHENYLPYRAZOLO[1,5-A]PYRIDIN-3-YL)-1H-PYRAZOLO[3,4-C]PYRIDAZIN-3-AMINE 'C18 H13 N7'
GOL non-polymer GLYCEROL 'C3 H8 O3'
#
# COMPACT_ATOMS: atom_id res chain seq x y z
N GLY A 6 5.83 -31.06 -19.26
CA GLY A 6 5.56 -30.52 -17.88
C GLY A 6 5.74 -29.01 -17.69
N PRO A 7 5.27 -28.49 -16.56
CA PRO A 7 5.34 -27.05 -16.29
C PRO A 7 6.75 -26.54 -15.95
N GLU A 8 6.99 -25.24 -16.17
CA GLU A 8 8.28 -24.61 -15.83
C GLU A 8 8.41 -24.54 -14.28
N MET A 9 9.66 -24.49 -13.79
CA MET A 9 10.01 -24.62 -12.37
C MET A 9 10.98 -23.53 -11.98
N VAL A 10 10.80 -22.97 -10.79
CA VAL A 10 11.69 -21.91 -10.33
C VAL A 10 12.05 -22.20 -8.88
N ARG A 11 13.34 -22.43 -8.61
CA ARG A 11 13.82 -22.76 -7.27
C ARG A 11 13.00 -23.87 -6.63
N GLY A 12 12.85 -24.98 -7.35
CA GLY A 12 12.08 -26.12 -6.87
C GLY A 12 10.54 -26.04 -6.92
N GLN A 13 10.00 -24.84 -7.10
CA GLN A 13 8.55 -24.59 -7.17
C GLN A 13 7.98 -24.60 -8.62
N VAL A 14 6.95 -25.40 -8.79
CA VAL A 14 6.18 -25.44 -10.04
C VAL A 14 5.57 -24.06 -10.26
N PHE A 15 5.59 -23.61 -11.50
CA PHE A 15 5.05 -22.33 -11.88
C PHE A 15 4.29 -22.54 -13.16
N ASP A 16 3.09 -23.08 -13.01
CA ASP A 16 2.39 -23.63 -14.14
C ASP A 16 1.61 -22.57 -14.93
N VAL A 17 2.35 -21.76 -15.67
CA VAL A 17 1.80 -20.59 -16.35
C VAL A 17 1.94 -20.59 -17.87
N GLY A 18 2.62 -21.59 -18.42
CA GLY A 18 2.78 -21.75 -19.87
C GLY A 18 1.53 -22.30 -20.51
N PRO A 19 1.40 -22.25 -21.85
CA PRO A 19 2.42 -21.73 -22.77
C PRO A 19 2.40 -20.22 -22.98
N ARG A 20 1.40 -19.50 -22.50
CA ARG A 20 1.37 -18.04 -22.71
C ARG A 20 2.57 -17.33 -22.11
N TYR A 21 2.93 -17.71 -20.90
CA TYR A 21 3.97 -17.01 -20.15
C TYR A 21 5.15 -17.94 -19.99
N THR A 22 6.35 -17.49 -20.41
CA THR A 22 7.56 -18.29 -20.44
C THR A 22 8.73 -17.48 -19.92
N ASN A 23 9.91 -18.10 -19.86
CA ASN A 23 11.16 -17.43 -19.47
C ASN A 23 11.06 -16.84 -18.07
N LEU A 24 10.75 -17.68 -17.10
CA LEU A 24 10.54 -17.23 -15.74
C LEU A 24 11.84 -16.93 -15.05
N SER A 25 11.87 -15.85 -14.26
CA SER A 25 13.03 -15.55 -13.40
C SER A 25 12.53 -15.16 -12.03
N TYR A 26 13.13 -15.75 -11.00
CA TYR A 26 12.83 -15.44 -9.62
C TYR A 26 13.01 -13.95 -9.30
N ILE A 27 12.04 -13.36 -8.61
CA ILE A 27 12.17 -11.99 -8.06
C ILE A 27 12.15 -11.98 -6.55
N GLY A 28 11.21 -12.69 -5.96
CA GLY A 28 11.17 -12.81 -4.52
C GLY A 28 10.07 -13.72 -4.03
N GLU A 29 9.98 -13.84 -2.71
CA GLU A 29 8.87 -14.51 -2.05
C GLU A 29 8.45 -13.75 -0.79
N GLY A 30 7.40 -14.25 -0.14
CA GLY A 30 6.91 -13.70 1.12
C GLY A 30 5.92 -14.65 1.77
N ALA A 31 5.19 -14.11 2.76
CA ALA A 31 3.96 -14.71 3.25
C ALA A 31 2.93 -14.70 2.11
N TYR A 32 2.95 -13.60 1.33
CA TYR A 32 2.13 -13.46 0.11
C TYR A 32 2.37 -14.50 -1.02
N GLY A 33 3.43 -15.31 -0.94
CA GLY A 33 3.77 -16.36 -1.94
C GLY A 33 5.02 -16.00 -2.76
N MET A 34 5.24 -16.70 -3.88
CA MET A 34 6.42 -16.49 -4.77
C MET A 34 6.12 -15.63 -6.01
N VAL A 35 6.97 -14.65 -6.28
CA VAL A 35 6.93 -13.81 -7.48
C VAL A 35 8.08 -14.11 -8.47
N CYS A 36 7.72 -14.20 -9.78
CA CYS A 36 8.67 -14.29 -10.92
C CYS A 36 8.43 -13.21 -12.00
N SER A 37 9.48 -12.82 -12.72
CA SER A 37 9.28 -12.14 -14.02
C SER A 37 9.04 -13.16 -15.11
N ALA A 38 8.25 -12.78 -16.12
CA ALA A 38 7.99 -13.63 -17.27
C ALA A 38 7.78 -12.77 -18.54
N TYR A 39 7.76 -13.45 -19.69
CA TYR A 39 7.40 -12.86 -20.93
C TYR A 39 6.06 -13.42 -21.38
N ASP A 40 5.14 -12.50 -21.68
CA ASP A 40 3.86 -12.80 -22.24
C ASP A 40 4.04 -12.90 -23.74
N ASN A 41 3.91 -14.11 -24.25
CA ASN A 41 4.09 -14.39 -25.67
C ASN A 41 2.89 -13.94 -26.50
N VAL A 42 1.77 -13.64 -25.87
CA VAL A 42 0.58 -13.29 -26.64
C VAL A 42 0.63 -11.79 -26.91
N ASN A 43 0.78 -11.02 -25.85
CA ASN A 43 0.85 -9.56 -25.96
C ASN A 43 2.25 -8.98 -26.19
N LYS A 44 3.27 -9.82 -26.08
CA LYS A 44 4.66 -9.41 -26.30
C LYS A 44 5.11 -8.32 -25.36
N VAL A 45 4.93 -8.59 -24.07
CA VAL A 45 5.30 -7.71 -22.96
C VAL A 45 5.88 -8.50 -21.77
N ARG A 46 6.63 -7.80 -20.94
CA ARG A 46 7.21 -8.43 -19.80
C ARG A 46 6.21 -8.33 -18.67
N VAL A 47 6.10 -9.38 -17.86
CA VAL A 47 5.17 -9.38 -16.76
C VAL A 47 5.82 -9.83 -15.47
N ALA A 48 5.13 -9.53 -14.37
CA ALA A 48 5.38 -10.13 -13.08
C ALA A 48 4.24 -11.08 -12.81
N ILE A 49 4.56 -12.21 -12.22
CA ILE A 49 3.57 -13.22 -11.85
C ILE A 49 3.77 -13.64 -10.38
N LYS A 50 2.70 -13.57 -9.59
CA LYS A 50 2.73 -14.05 -8.21
C LYS A 50 2.01 -15.37 -8.12
N LYS A 51 2.65 -16.41 -7.59
CA LYS A 51 1.97 -17.64 -7.25
C LYS A 51 1.49 -17.61 -5.80
N ILE A 52 0.21 -17.89 -5.58
CA ILE A 52 -0.43 -17.86 -4.27
C ILE A 52 -0.96 -19.24 -4.02
N SER A 53 -0.86 -19.74 -2.79
CA SER A 53 -1.38 -21.05 -2.42
C SER A 53 -2.13 -20.94 -1.10
N PRO A 54 -3.30 -20.29 -1.11
CA PRO A 54 -3.93 -19.79 0.12
C PRO A 54 -4.98 -20.72 0.73
N PHE A 55 -5.32 -21.81 0.06
CA PHE A 55 -6.60 -22.50 0.34
C PHE A 55 -6.74 -23.32 1.61
N GLU A 56 -5.63 -23.58 2.30
CA GLU A 56 -5.69 -24.26 3.60
C GLU A 56 -5.92 -23.29 4.75
N HIS A 57 -5.80 -21.99 4.50
CA HIS A 57 -5.86 -21.00 5.57
C HIS A 57 -6.91 -19.94 5.28
N GLN A 58 -7.87 -19.84 6.20
CA GLN A 58 -9.02 -18.98 6.03
C GLN A 58 -8.65 -17.52 5.85
N THR A 59 -7.69 -17.05 6.64
N THR A 59 -7.68 -17.04 6.65
CA THR A 59 -7.21 -15.68 6.54
CA THR A 59 -7.24 -15.65 6.53
C THR A 59 -6.48 -15.40 5.20
C THR A 59 -6.48 -15.40 5.20
N TYR A 60 -5.69 -16.35 4.72
CA TYR A 60 -5.06 -16.24 3.38
C TYR A 60 -6.11 -16.20 2.24
N CYS A 61 -7.16 -17.00 2.33
CA CYS A 61 -8.28 -16.94 1.38
C CYS A 61 -9.01 -15.60 1.41
N GLN A 62 -9.25 -15.12 2.62
CA GLN A 62 -9.95 -13.86 2.82
C GLN A 62 -9.21 -12.73 2.17
N ARG A 63 -7.90 -12.71 2.36
CA ARG A 63 -7.03 -11.70 1.77
C ARG A 63 -6.83 -11.81 0.26
N THR A 64 -6.80 -13.04 -0.27
CA THR A 64 -6.70 -13.24 -1.72
C THR A 64 -8.00 -12.73 -2.39
N LEU A 65 -9.14 -13.11 -1.87
CA LEU A 65 -10.41 -12.61 -2.39
C LEU A 65 -10.50 -11.07 -2.37
N ARG A 66 -10.10 -10.45 -1.26
CA ARG A 66 -10.08 -9.00 -1.17
C ARG A 66 -9.16 -8.36 -2.19
N GLU A 67 -7.93 -8.83 -2.27
CA GLU A 67 -7.01 -8.24 -3.21
C GLU A 67 -7.55 -8.35 -4.65
N ILE A 68 -8.05 -9.52 -5.00
CA ILE A 68 -8.54 -9.75 -6.33
C ILE A 68 -9.78 -8.91 -6.61
N LYS A 69 -10.78 -8.91 -5.72
CA LYS A 69 -12.00 -8.11 -5.94
C LYS A 69 -11.68 -6.62 -6.11
N ILE A 70 -10.75 -6.14 -5.32
CA ILE A 70 -10.44 -4.71 -5.30
C ILE A 70 -9.70 -4.32 -6.58
N LEU A 71 -8.65 -5.03 -6.90
CA LEU A 71 -7.80 -4.66 -8.00
C LEU A 71 -8.44 -4.89 -9.32
N LEU A 72 -9.32 -5.90 -9.41
CA LEU A 72 -10.08 -6.06 -10.64
C LEU A 72 -11.07 -4.93 -10.85
N ARG A 73 -11.52 -4.29 -9.77
CA ARG A 73 -12.44 -3.18 -9.94
C ARG A 73 -11.73 -1.80 -10.09
N PHE A 74 -10.53 -1.64 -9.58
CA PHE A 74 -9.80 -0.41 -9.71
C PHE A 74 -9.22 -0.26 -11.10
N ARG A 75 -9.20 0.97 -11.58
N ARG A 75 -9.29 0.90 -11.71
CA ARG A 75 -8.62 1.38 -12.84
CA ARG A 75 -8.35 1.22 -12.82
C ARG A 75 -7.96 2.75 -12.59
C ARG A 75 -7.91 2.67 -12.70
N HIS A 76 -6.65 2.82 -12.37
CA HIS A 76 -6.03 4.10 -12.10
C HIS A 76 -4.55 3.94 -12.40
N GLU A 77 -4.03 4.97 -13.05
CA GLU A 77 -2.65 5.04 -13.53
C GLU A 77 -1.59 4.83 -12.44
N ASN A 78 -1.90 5.24 -11.19
CA ASN A 78 -1.00 5.06 -10.07
C ASN A 78 -1.30 3.86 -9.19
N ILE A 79 -2.08 2.92 -9.71
CA ILE A 79 -2.34 1.61 -9.07
C ILE A 79 -2.12 0.44 -10.08
N ILE A 80 -1.28 -0.50 -9.68
CA ILE A 80 -0.95 -1.66 -10.53
C ILE A 80 -2.23 -2.45 -10.84
N GLY A 81 -2.48 -2.69 -12.12
CA GLY A 81 -3.62 -3.48 -12.56
C GLY A 81 -3.28 -4.97 -12.57
N ILE A 82 -4.31 -5.80 -12.62
CA ILE A 82 -4.20 -7.22 -12.87
C ILE A 82 -4.53 -7.47 -14.34
N ASN A 83 -3.57 -8.04 -15.08
CA ASN A 83 -3.72 -8.31 -16.52
C ASN A 83 -4.46 -9.62 -16.76
N ASP A 84 -4.19 -10.62 -15.93
CA ASP A 84 -4.66 -11.97 -16.13
C ASP A 84 -4.56 -12.72 -14.80
N ILE A 85 -5.33 -13.77 -14.65
CA ILE A 85 -5.26 -14.66 -13.51
C ILE A 85 -5.37 -16.07 -14.04
N ILE A 86 -4.42 -16.93 -13.69
CA ILE A 86 -4.40 -18.30 -14.12
C ILE A 86 -4.73 -19.20 -12.94
N ARG A 87 -5.61 -20.16 -13.15
CA ARG A 87 -5.86 -21.22 -12.20
C ARG A 87 -6.53 -22.40 -12.91
N ALA A 88 -6.62 -23.52 -12.20
CA ALA A 88 -7.17 -24.75 -12.75
C ALA A 88 -8.61 -24.57 -13.22
N PRO A 89 -9.05 -25.38 -14.23
CA PRO A 89 -10.42 -25.24 -14.76
C PRO A 89 -11.52 -25.80 -13.85
N THR A 90 -11.18 -26.56 -12.83
CA THR A 90 -12.17 -27.06 -11.88
C THR A 90 -11.71 -26.73 -10.48
N ILE A 91 -12.69 -26.47 -9.63
CA ILE A 91 -12.45 -26.07 -8.23
C ILE A 91 -11.60 -27.05 -7.42
N GLU A 92 -11.89 -28.34 -7.54
CA GLU A 92 -11.14 -29.40 -6.83
C GLU A 92 -9.65 -29.41 -7.17
N GLN A 93 -9.34 -29.15 -8.44
CA GLN A 93 -7.95 -29.06 -8.88
C GLN A 93 -7.28 -27.72 -8.52
N MET A 94 -8.03 -26.68 -8.19
CA MET A 94 -7.42 -25.35 -7.93
C MET A 94 -6.72 -25.42 -6.60
N LYS A 95 -5.39 -25.52 -6.63
CA LYS A 95 -4.54 -25.42 -5.42
C LYS A 95 -3.79 -24.09 -5.38
N ASP A 96 -3.54 -23.55 -6.56
CA ASP A 96 -2.70 -22.41 -6.76
C ASP A 96 -3.43 -21.40 -7.61
N VAL A 97 -3.09 -20.13 -7.41
CA VAL A 97 -3.59 -19.05 -8.24
C VAL A 97 -2.40 -18.22 -8.66
N TYR A 98 -2.36 -17.84 -9.95
CA TYR A 98 -1.29 -17.00 -10.49
C TYR A 98 -1.87 -15.70 -10.94
N ILE A 99 -1.38 -14.60 -10.35
CA ILE A 99 -1.79 -13.24 -10.73
C ILE A 99 -0.72 -12.60 -11.59
N VAL A 100 -1.12 -12.00 -12.71
CA VAL A 100 -0.17 -11.47 -13.68
C VAL A 100 -0.39 -9.97 -13.71
N GLN A 101 0.70 -9.21 -13.66
CA GLN A 101 0.74 -7.75 -13.81
C GLN A 101 1.87 -7.29 -14.74
N ASP A 102 1.77 -6.03 -15.22
CA ASP A 102 2.91 -5.41 -15.92
C ASP A 102 4.13 -5.38 -15.04
N LEU A 103 5.27 -5.63 -15.64
CA LEU A 103 6.49 -5.72 -14.89
C LEU A 103 7.01 -4.29 -14.71
N MET A 104 7.32 -3.93 -13.49
CA MET A 104 7.87 -2.62 -13.19
C MET A 104 9.36 -2.77 -13.02
N GLU A 105 10.14 -1.71 -13.20
CA GLU A 105 11.59 -1.86 -13.10
C GLU A 105 12.12 -1.99 -11.69
N THR A 106 11.53 -1.30 -10.74
CA THR A 106 12.12 -1.26 -9.39
C THR A 106 11.04 -0.85 -8.42
N ASP A 107 11.43 -0.63 -7.17
CA ASP A 107 10.55 -0.07 -6.17
C ASP A 107 11.30 0.97 -5.33
N LEU A 108 10.53 1.67 -4.50
CA LEU A 108 11.08 2.79 -3.74
C LEU A 108 12.05 2.32 -2.70
N TYR A 109 11.82 1.14 -2.11
CA TYR A 109 12.78 0.54 -1.18
C TYR A 109 14.16 0.42 -1.84
N LYS A 110 14.22 -0.24 -2.97
CA LYS A 110 15.46 -0.47 -3.68
C LYS A 110 16.12 0.82 -4.06
N LEU A 111 15.33 1.72 -4.59
CA LEU A 111 15.85 3.01 -5.02
C LEU A 111 16.55 3.76 -3.86
N LEU A 112 15.94 3.76 -2.68
CA LEU A 112 16.48 4.49 -1.53
C LEU A 112 17.72 3.81 -0.92
N LYS A 113 17.99 2.56 -1.28
CA LYS A 113 19.27 1.89 -0.92
C LYS A 113 20.46 2.36 -1.72
N THR A 114 20.22 2.91 -2.90
CA THR A 114 21.28 3.26 -3.83
C THR A 114 21.38 4.73 -4.20
N GLN A 115 20.44 5.56 -3.76
CA GLN A 115 20.19 6.86 -4.40
C GLN A 115 19.54 7.91 -3.46
N HIS A 116 20.24 9.01 -3.23
CA HIS A 116 19.65 10.20 -2.66
C HIS A 116 18.79 10.80 -3.77
N LEU A 117 17.52 11.09 -3.48
CA LEU A 117 16.60 11.64 -4.48
C LEU A 117 16.61 13.16 -4.43
N SER A 118 16.46 13.82 -5.57
CA SER A 118 16.33 15.28 -5.60
C SER A 118 14.98 15.67 -5.00
N ASN A 119 14.84 16.95 -4.66
CA ASN A 119 13.58 17.48 -4.14
C ASN A 119 12.49 17.33 -5.18
N ASP A 120 12.86 17.55 -6.43
CA ASP A 120 11.94 17.38 -7.53
C ASP A 120 11.39 15.95 -7.59
N HIS A 121 12.25 14.95 -7.42
CA HIS A 121 11.80 13.54 -7.48
C HIS A 121 10.99 13.20 -6.24
N ILE A 122 11.40 13.70 -5.08
CA ILE A 122 10.64 13.45 -3.87
C ILE A 122 9.23 14.01 -4.07
N CYS A 123 9.15 15.26 -4.53
CA CYS A 123 7.89 15.96 -4.68
C CYS A 123 6.95 15.25 -5.65
N TYR A 124 7.48 14.89 -6.82
CA TYR A 124 6.73 14.13 -7.84
C TYR A 124 6.31 12.71 -7.41
N PHE A 125 7.19 11.97 -6.75
CA PHE A 125 6.77 10.68 -6.17
C PHE A 125 5.67 10.84 -5.16
N LEU A 126 5.78 11.84 -4.29
CA LEU A 126 4.75 12.03 -3.26
C LEU A 126 3.45 12.35 -3.94
N TYR A 127 3.49 13.19 -4.97
CA TYR A 127 2.26 13.52 -5.67
C TYR A 127 1.55 12.25 -6.16
N GLN A 128 2.31 11.33 -6.74
CA GLN A 128 1.67 10.17 -7.40
C GLN A 128 1.16 9.19 -6.35
N ILE A 129 1.91 9.02 -5.26
CA ILE A 129 1.43 8.20 -4.12
C ILE A 129 0.05 8.69 -3.67
N LEU A 130 -0.06 10.00 -3.47
CA LEU A 130 -1.28 10.61 -2.98
C LEU A 130 -2.39 10.65 -4.02
N ARG A 131 -2.02 10.85 -5.29
CA ARG A 131 -2.98 10.73 -6.38
C ARG A 131 -3.66 9.33 -6.43
N GLY A 132 -2.85 8.29 -6.36
CA GLY A 132 -3.37 6.93 -6.25
C GLY A 132 -4.15 6.73 -4.97
N LEU A 133 -3.61 7.25 -3.85
CA LEU A 133 -4.27 7.06 -2.57
C LEU A 133 -5.64 7.75 -2.55
N LYS A 134 -5.76 8.85 -3.26
CA LYS A 134 -7.04 9.55 -3.38
C LYS A 134 -8.06 8.64 -4.05
N TYR A 135 -7.65 7.98 -5.12
CA TYR A 135 -8.57 7.08 -5.76
C TYR A 135 -8.95 5.96 -4.79
N ILE A 136 -7.96 5.39 -4.10
CA ILE A 136 -8.20 4.28 -3.20
C ILE A 136 -9.16 4.71 -2.08
N HIS A 137 -8.91 5.87 -1.46
CA HIS A 137 -9.79 6.34 -0.36
C HIS A 137 -11.17 6.75 -0.87
N SER A 138 -11.27 7.29 -2.09
CA SER A 138 -12.59 7.54 -2.72
C SER A 138 -13.46 6.27 -2.90
N ALA A 139 -12.83 5.11 -2.99
CA ALA A 139 -13.56 3.82 -3.13
C ALA A 139 -14.00 3.18 -1.81
N ASN A 140 -13.63 3.82 -0.71
CA ASN A 140 -13.80 3.34 0.68
C ASN A 140 -12.87 2.18 1.03
N VAL A 141 -11.73 2.13 0.38
CA VAL A 141 -10.78 1.11 0.67
C VAL A 141 -9.73 1.73 1.55
N LEU A 142 -9.27 0.95 2.51
CA LEU A 142 -8.03 1.24 3.23
C LEU A 142 -6.96 0.31 2.67
N HIS A 143 -5.80 0.88 2.36
CA HIS A 143 -4.73 0.06 1.87
C HIS A 143 -4.08 -0.78 3.00
N ARG A 144 -3.70 -0.07 4.06
CA ARG A 144 -3.22 -0.61 5.32
C ARG A 144 -1.79 -1.19 5.29
N ASP A 145 -1.04 -0.96 4.22
CA ASP A 145 0.32 -1.50 4.17
C ASP A 145 1.21 -0.76 3.24
N LEU A 146 1.03 0.56 3.19
CA LEU A 146 1.88 1.38 2.35
C LEU A 146 3.27 1.45 2.95
N LYS A 147 4.28 1.28 2.09
CA LYS A 147 5.68 1.34 2.49
C LYS A 147 6.51 1.38 1.25
N PRO A 148 7.80 1.69 1.41
CA PRO A 148 8.57 1.89 0.19
C PRO A 148 8.62 0.68 -0.79
N SER A 149 8.65 -0.54 -0.26
CA SER A 149 8.76 -1.73 -1.11
C SER A 149 7.46 -2.04 -1.85
N ASN A 150 6.36 -1.42 -1.42
CA ASN A 150 5.04 -1.44 -2.10
C ASN A 150 4.79 -0.33 -3.09
N LEU A 151 5.79 0.49 -3.37
CA LEU A 151 5.64 1.52 -4.35
C LEU A 151 6.57 1.16 -5.49
N LEU A 152 5.99 0.77 -6.63
CA LEU A 152 6.74 0.29 -7.80
C LEU A 152 6.98 1.46 -8.73
N LEU A 153 8.15 1.46 -9.33
CA LEU A 153 8.55 2.53 -10.20
C LEU A 153 9.21 2.03 -11.46
N ASN A 154 8.99 2.74 -12.56
N ASN A 154 8.97 2.70 -12.59
CA ASN A 154 9.90 2.68 -13.71
CA ASN A 154 9.84 2.59 -13.77
C ASN A 154 10.83 3.85 -13.64
C ASN A 154 10.73 3.85 -13.80
N THR A 155 11.94 3.75 -14.37
CA THR A 155 12.91 4.87 -14.43
C THR A 155 12.36 6.11 -15.16
N THR A 156 11.29 5.96 -15.95
CA THR A 156 10.50 7.12 -16.40
C THR A 156 9.86 7.95 -15.25
N CYS A 157 10.00 7.52 -14.01
CA CYS A 157 9.41 8.19 -12.83
C CYS A 157 7.89 7.96 -12.67
N ASP A 158 7.34 6.94 -13.33
CA ASP A 158 5.93 6.59 -13.11
C ASP A 158 5.90 5.62 -11.94
N LEU A 159 4.96 5.83 -11.03
CA LEU A 159 4.92 5.13 -9.77
C LEU A 159 3.57 4.53 -9.66
N LYS A 160 3.52 3.30 -9.18
CA LYS A 160 2.25 2.61 -8.96
C LYS A 160 2.24 1.94 -7.62
N ILE A 161 1.11 2.04 -6.92
CA ILE A 161 0.91 1.38 -5.64
C ILE A 161 0.55 -0.08 -5.92
N CYS A 162 1.20 -1.00 -5.24
CA CYS A 162 0.84 -2.42 -5.36
C CYS A 162 0.63 -2.98 -3.97
N ASP A 163 0.35 -4.28 -3.95
CA ASP A 163 0.26 -5.10 -2.70
C ASP A 163 -0.96 -4.77 -1.87
N PHE A 164 -2.10 -5.24 -2.36
CA PHE A 164 -3.37 -4.97 -1.72
C PHE A 164 -3.81 -6.15 -0.83
N GLY A 165 -2.85 -6.93 -0.34
CA GLY A 165 -3.16 -8.10 0.49
C GLY A 165 -3.75 -7.80 1.86
N LEU A 166 -3.45 -6.62 2.41
CA LEU A 166 -4.05 -6.19 3.66
C LEU A 166 -5.19 -5.25 3.42
N ALA A 167 -5.54 -4.99 2.15
CA ALA A 167 -6.52 -3.95 1.89
C ALA A 167 -7.89 -4.42 2.25
N ARG A 168 -8.76 -3.48 2.57
CA ARG A 168 -10.16 -3.83 2.77
C ARG A 168 -11.08 -2.66 2.54
N VAL A 169 -12.36 -2.96 2.46
CA VAL A 169 -13.43 -1.99 2.34
C VAL A 169 -13.88 -1.68 3.72
N ALA A 170 -14.11 -0.41 3.98
CA ALA A 170 -14.78 0.05 5.18
C ALA A 170 -15.77 1.15 4.80
N ASP A 171 -17.00 0.75 4.60
CA ASP A 171 -18.10 1.63 4.24
C ASP A 171 -18.36 2.63 5.36
N PRO A 172 -18.25 3.94 5.06
CA PRO A 172 -18.39 4.96 6.12
C PRO A 172 -19.83 5.21 6.65
N ASP A 173 -20.84 4.58 6.04
CA ASP A 173 -22.19 4.55 6.63
C ASP A 173 -22.25 3.71 7.90
N HIS A 174 -21.27 2.82 8.08
CA HIS A 174 -21.24 1.93 9.21
C HIS A 174 -20.01 2.18 10.06
N ASP A 175 -20.24 2.25 11.37
CA ASP A 175 -19.19 2.39 12.38
C ASP A 175 -18.48 1.03 12.51
N HIS A 176 -17.17 0.99 12.21
CA HIS A 176 -16.35 -0.24 12.20
C HIS A 176 -15.58 -0.42 13.52
N THR A 177 -15.72 0.55 14.42
CA THR A 177 -15.11 0.48 15.75
C THR A 177 -15.41 -0.87 16.44
N GLY A 178 -14.32 -1.58 16.74
CA GLY A 178 -14.35 -2.87 17.40
C GLY A 178 -14.27 -4.04 16.45
N PHE A 179 -14.34 -3.78 15.14
CA PHE A 179 -14.51 -4.83 14.15
C PHE A 179 -13.35 -4.93 13.18
N LEU A 180 -12.36 -4.03 13.28
CA LEU A 180 -11.24 -4.03 12.36
C LEU A 180 -10.11 -4.91 12.88
N TPO A 181 -9.37 -5.50 11.95
CA TPO A 181 -8.29 -6.41 12.24
CB TPO A 181 -7.81 -7.11 10.97
CG2 TPO A 181 -6.70 -8.12 11.25
OG1 TPO A 181 -8.89 -7.89 10.43
P TPO A 181 -9.45 -7.39 8.98
O1P TPO A 181 -9.79 -5.91 9.12
O2P TPO A 181 -10.69 -8.23 8.77
O3P TPO A 181 -8.42 -7.70 7.90
C TPO A 181 -7.15 -5.66 12.86
O TPO A 181 -6.77 -4.57 12.38
N GLU A 182 -6.60 -6.25 13.91
CA GLU A 182 -5.47 -5.66 14.63
C GLU A 182 -4.18 -6.00 13.94
N PTR A 183 -3.14 -5.23 14.27
CA PTR A 183 -1.76 -5.51 13.84
C PTR A 183 -1.65 -5.51 12.33
O PTR A 183 -1.08 -6.42 11.77
CB PTR A 183 -1.32 -6.85 14.48
CG PTR A 183 0.18 -7.07 14.58
CD1 PTR A 183 0.98 -6.29 15.43
CD2 PTR A 183 0.79 -8.08 13.82
CE1 PTR A 183 2.36 -6.50 15.54
CE2 PTR A 183 2.16 -8.30 13.92
CZ PTR A 183 2.94 -7.51 14.77
OH PTR A 183 4.27 -7.73 14.87
P PTR A 183 5.37 -6.83 14.13
O1P PTR A 183 5.44 -5.54 14.94
O2P PTR A 183 4.84 -6.65 12.73
O3P PTR A 183 6.64 -7.64 14.20
N VAL A 184 -2.19 -4.47 11.71
CA VAL A 184 -2.04 -4.20 10.27
C VAL A 184 -0.86 -3.24 10.06
N ALA A 185 -0.50 -3.03 8.78
CA ALA A 185 0.70 -2.25 8.38
C ALA A 185 2.02 -2.92 8.74
N THR A 186 3.11 -2.47 8.16
CA THR A 186 4.42 -2.95 8.55
C THR A 186 4.89 -2.04 9.68
N ARG A 187 5.61 -2.62 10.65
CA ARG A 187 5.85 -1.96 11.96
C ARG A 187 6.26 -0.48 11.86
N TRP A 188 7.25 -0.19 11.03
CA TRP A 188 7.85 1.14 10.96
C TRP A 188 6.90 2.18 10.40
N TYR A 189 5.86 1.71 9.73
CA TYR A 189 4.91 2.53 8.97
C TYR A 189 3.51 2.51 9.60
N ARG A 190 3.48 2.05 10.84
CA ARG A 190 2.25 1.78 11.57
C ARG A 190 1.88 3.03 12.35
N ALA A 191 0.65 3.52 12.12
CA ALA A 191 0.11 4.69 12.83
C ALA A 191 -0.06 4.37 14.33
N PRO A 192 0.06 5.38 15.19
CA PRO A 192 -0.09 5.16 16.63
C PRO A 192 -1.41 4.53 17.04
N GLU A 193 -2.50 4.93 16.39
CA GLU A 193 -3.80 4.43 16.73
C GLU A 193 -4.00 2.94 16.35
N ILE A 194 -3.09 2.36 15.56
CA ILE A 194 -3.10 0.90 15.39
C ILE A 194 -2.70 0.19 16.70
N MET A 195 -1.81 0.81 17.49
CA MET A 195 -1.47 0.35 18.86
C MET A 195 -2.55 0.68 19.94
N LEU A 196 -3.14 1.87 19.84
CA LEU A 196 -3.96 2.46 20.92
C LEU A 196 -5.47 2.42 20.70
N ASN A 197 -5.86 2.09 19.48
CA ASN A 197 -7.24 1.93 19.11
C ASN A 197 -7.22 0.78 18.10
N SER A 198 -6.71 -0.35 18.56
CA SER A 198 -6.26 -1.42 17.64
C SER A 198 -7.35 -2.05 16.74
N LYS A 199 -8.62 -1.85 17.08
CA LYS A 199 -9.75 -2.37 16.31
C LYS A 199 -10.66 -1.28 15.74
N GLY A 200 -10.25 -0.01 15.81
CA GLY A 200 -11.15 1.12 15.47
C GLY A 200 -10.46 2.27 14.77
N TYR A 201 -9.41 1.96 14.03
CA TYR A 201 -8.63 2.93 13.31
C TYR A 201 -9.39 3.18 11.99
N THR A 202 -8.91 4.13 11.19
CA THR A 202 -9.57 4.52 9.94
C THR A 202 -8.52 4.62 8.85
N LYS A 203 -8.98 5.04 7.68
CA LYS A 203 -8.13 5.31 6.52
C LYS A 203 -6.97 6.32 6.80
N SER A 204 -7.10 7.11 7.86
N SER A 204 -7.08 7.11 7.86
CA SER A 204 -6.04 7.99 8.28
CA SER A 204 -6.03 8.02 8.24
C SER A 204 -4.73 7.28 8.53
C SER A 204 -4.72 7.28 8.53
N ILE A 205 -4.78 5.97 8.75
CA ILE A 205 -3.55 5.19 8.92
C ILE A 205 -2.72 5.17 7.65
N ASP A 206 -3.37 5.26 6.50
CA ASP A 206 -2.63 5.33 5.24
C ASP A 206 -1.89 6.68 5.13
N ILE A 207 -2.53 7.78 5.57
CA ILE A 207 -1.83 9.08 5.53
C ILE A 207 -0.57 9.03 6.40
N TRP A 208 -0.65 8.41 7.57
CA TRP A 208 0.52 8.23 8.41
C TRP A 208 1.63 7.48 7.69
N SER A 209 1.28 6.37 7.06
CA SER A 209 2.26 5.61 6.29
C SER A 209 2.96 6.43 5.22
N VAL A 210 2.19 7.23 4.52
CA VAL A 210 2.72 8.13 3.52
C VAL A 210 3.68 9.15 4.15
N GLY A 211 3.32 9.69 5.32
CA GLY A 211 4.22 10.56 6.03
C GLY A 211 5.53 9.87 6.34
N CYS A 212 5.45 8.64 6.83
CA CYS A 212 6.69 7.87 7.07
C CYS A 212 7.51 7.68 5.78
N ILE A 213 6.84 7.51 4.67
CA ILE A 213 7.52 7.30 3.39
C ILE A 213 8.19 8.60 2.95
N LEU A 214 7.47 9.72 3.09
CA LEU A 214 8.04 11.04 2.79
C LEU A 214 9.29 11.26 3.61
N ALA A 215 9.26 10.95 4.91
CA ALA A 215 10.45 11.14 5.77
C ALA A 215 11.64 10.30 5.28
N GLU A 216 11.35 9.06 4.88
CA GLU A 216 12.37 8.18 4.35
C GLU A 216 12.97 8.73 3.04
N MET A 217 12.14 9.28 2.16
CA MET A 217 12.66 9.86 0.90
C MET A 217 13.56 11.08 1.13
N LEU A 218 13.31 11.81 2.22
CA LEU A 218 14.11 12.97 2.54
C LEU A 218 15.48 12.58 3.08
N SER A 219 15.59 11.45 3.78
CA SER A 219 16.85 11.12 4.48
C SER A 219 17.43 9.74 4.15
N ASN A 220 16.78 8.93 3.32
CA ASN A 220 17.24 7.55 3.01
C ASN A 220 17.37 6.63 4.25
N ARG A 221 16.49 6.81 5.24
CA ARG A 221 16.43 5.91 6.39
C ARG A 221 15.06 6.03 7.09
N PRO A 222 14.58 4.95 7.74
CA PRO A 222 13.23 5.05 8.31
C PRO A 222 13.20 6.01 9.48
N ILE A 223 12.10 6.69 9.63
CA ILE A 223 11.96 7.65 10.70
C ILE A 223 11.62 6.99 12.04
N PHE A 224 10.83 5.93 12.05
CA PHE A 224 10.44 5.31 13.31
C PHE A 224 10.78 3.81 13.26
N PRO A 225 12.09 3.47 13.34
CA PRO A 225 12.47 2.07 13.16
C PRO A 225 12.38 1.25 14.46
N GLY A 226 11.17 1.03 14.97
CA GLY A 226 11.01 0.24 16.20
C GLY A 226 11.51 -1.18 16.01
N LYS A 227 12.16 -1.75 17.03
CA LYS A 227 12.58 -3.16 16.97
C LYS A 227 11.46 -4.12 17.40
N HIS A 228 10.38 -3.61 18.00
CA HIS A 228 9.22 -4.42 18.37
C HIS A 228 7.99 -3.53 18.64
N TYR A 229 6.86 -4.15 18.95
CA TYR A 229 5.52 -3.51 18.95
C TYR A 229 5.34 -2.23 19.81
N LEU A 230 5.63 -2.27 21.12
CA LEU A 230 5.58 -1.05 21.96
C LEU A 230 6.80 -0.12 21.79
N ASP A 231 7.93 -0.67 21.36
CA ASP A 231 9.09 0.14 21.02
C ASP A 231 8.79 1.07 19.80
N GLN A 232 7.88 0.63 18.92
CA GLN A 232 7.42 1.46 17.82
C GLN A 232 6.79 2.75 18.31
N LEU A 233 5.86 2.62 19.24
CA LEU A 233 5.22 3.76 19.88
C LEU A 233 6.21 4.69 20.63
N ASN A 234 7.25 4.11 21.22
CA ASN A 234 8.33 4.89 21.85
C ASN A 234 9.14 5.75 20.87
N HIS A 235 9.52 5.16 19.75
CA HIS A 235 10.13 5.91 18.65
C HIS A 235 9.24 7.06 18.18
N ILE A 236 7.95 6.77 17.98
CA ILE A 236 7.01 7.81 17.54
C ILE A 236 6.99 8.96 18.55
N LEU A 237 6.81 8.61 19.81
CA LEU A 237 6.72 9.60 20.87
C LEU A 237 8.03 10.37 21.14
N GLY A 238 9.17 9.75 20.85
CA GLY A 238 10.46 10.45 20.96
C GLY A 238 10.67 11.55 19.91
N ILE A 239 9.95 11.51 18.78
CA ILE A 239 10.00 12.60 17.80
C ILE A 239 8.86 13.59 17.98
N LEU A 240 7.66 13.04 18.13
CA LEU A 240 6.47 13.87 18.25
C LEU A 240 6.35 14.52 19.62
N GLY A 241 6.97 13.93 20.64
CA GLY A 241 6.75 14.33 22.02
C GLY A 241 5.54 13.62 22.60
N SER A 242 5.36 13.69 23.92
CA SER A 242 4.15 13.20 24.55
C SER A 242 2.92 13.89 23.98
N PRO A 243 1.79 13.18 23.83
CA PRO A 243 0.57 13.82 23.31
C PRO A 243 -0.01 14.84 24.29
N SER A 244 -0.68 15.86 23.75
CA SER A 244 -1.36 16.87 24.55
C SER A 244 -2.46 16.21 25.36
N GLN A 245 -2.94 16.93 26.36
CA GLN A 245 -4.08 16.51 27.15
C GLN A 245 -5.31 16.21 26.28
N GLU A 246 -5.58 17.10 25.33
CA GLU A 246 -6.69 16.91 24.40
C GLU A 246 -6.52 15.59 23.60
N ASP A 247 -5.31 15.34 23.08
CA ASP A 247 -5.05 14.13 22.28
C ASP A 247 -5.24 12.85 23.11
N LEU A 248 -4.75 12.87 24.35
CA LEU A 248 -4.98 11.77 25.28
C LEU A 248 -6.45 11.51 25.52
N ASN A 249 -7.23 12.58 25.67
CA ASN A 249 -8.67 12.48 25.96
C ASN A 249 -9.47 11.93 24.80
N CYS A 250 -8.99 12.11 23.57
CA CYS A 250 -9.61 11.46 22.42
C CYS A 250 -9.36 9.95 22.35
N ILE A 251 -8.47 9.42 23.18
CA ILE A 251 -8.26 7.96 23.25
C ILE A 251 -9.30 7.32 24.17
N ILE A 252 -10.25 6.62 23.55
CA ILE A 252 -11.42 6.05 24.25
C ILE A 252 -11.05 4.81 25.09
N ASN A 253 -10.13 3.99 24.60
CA ASN A 253 -9.71 2.80 25.30
C ASN A 253 -8.97 3.21 26.58
N LEU A 254 -9.57 2.88 27.72
CA LEU A 254 -9.06 3.30 29.00
C LEU A 254 -7.70 2.70 29.28
N LYS A 255 -7.54 1.43 28.97
CA LYS A 255 -6.27 0.74 29.12
C LYS A 255 -5.12 1.43 28.34
N ALA A 256 -5.40 1.91 27.14
CA ALA A 256 -4.35 2.47 26.28
C ALA A 256 -3.95 3.88 26.71
N ARG A 257 -4.94 4.66 27.12
CA ARG A 257 -4.69 5.98 27.65
C ARG A 257 -3.91 5.91 28.97
N ASN A 258 -4.22 4.90 29.79
CA ASN A 258 -3.48 4.71 31.05
C ASN A 258 -2.07 4.27 30.75
N TYR A 259 -1.86 3.46 29.71
CA TYR A 259 -0.50 3.08 29.36
C TYR A 259 0.29 4.32 28.96
N LEU A 260 -0.31 5.17 28.12
CA LEU A 260 0.34 6.41 27.71
C LEU A 260 0.69 7.28 28.90
N LEU A 261 -0.29 7.52 29.78
CA LEU A 261 -0.08 8.31 31.00
C LEU A 261 1.04 7.77 31.91
N SER A 262 1.32 6.47 31.84
CA SER A 262 2.45 5.86 32.57
C SER A 262 3.83 6.18 31.96
N LEU A 263 3.89 6.56 30.69
CA LEU A 263 5.17 6.86 30.02
C LEU A 263 5.82 8.19 30.48
N PRO A 264 7.17 8.22 30.49
CA PRO A 264 7.90 9.44 30.90
C PRO A 264 7.77 10.53 29.84
N HIS A 265 7.63 11.79 30.25
CA HIS A 265 7.47 12.91 29.31
C HIS A 265 8.65 12.94 28.33
N LYS A 266 8.36 13.20 27.05
CA LYS A 266 9.38 13.46 26.01
C LYS A 266 8.98 14.71 25.24
N ASN A 267 9.96 15.50 24.81
CA ASN A 267 9.70 16.74 24.05
C ASN A 267 9.71 16.48 22.57
N LYS A 268 8.89 17.26 21.87
CA LYS A 268 8.88 17.35 20.42
C LYS A 268 10.29 17.70 19.94
N VAL A 269 10.81 16.89 19.03
CA VAL A 269 11.99 17.21 18.27
C VAL A 269 11.54 17.97 17.00
N PRO A 270 12.04 19.21 16.79
CA PRO A 270 11.67 19.99 15.60
C PRO A 270 12.01 19.26 14.31
N TRP A 271 11.06 19.24 13.37
CA TRP A 271 11.32 18.67 12.05
C TRP A 271 12.60 19.17 11.37
N ASN A 272 12.95 20.45 11.52
CA ASN A 272 14.14 20.96 10.84
C ASN A 272 15.47 20.55 11.50
N ARG A 273 15.44 20.08 12.74
CA ARG A 273 16.65 19.47 13.36
C ARG A 273 16.86 18.03 12.87
N LEU A 274 15.78 17.34 12.53
CA LEU A 274 15.88 16.00 11.93
C LEU A 274 16.20 16.05 10.46
N PHE A 275 15.65 17.03 9.77
CA PHE A 275 15.83 17.16 8.33
C PHE A 275 16.35 18.59 8.02
N PRO A 276 17.65 18.85 8.27
CA PRO A 276 18.13 20.25 8.20
C PRO A 276 18.13 20.84 6.80
N ASN A 277 18.19 19.99 5.78
CA ASN A 277 18.27 20.42 4.38
C ASN A 277 17.01 20.20 3.54
N ALA A 278 15.93 19.70 4.15
CA ALA A 278 14.68 19.49 3.45
C ALA A 278 13.98 20.82 3.15
N ASP A 279 13.26 20.85 2.03
CA ASP A 279 12.36 21.95 1.65
C ASP A 279 11.36 22.17 2.79
N SER A 280 11.12 23.43 3.15
CA SER A 280 10.24 23.77 4.25
C SER A 280 8.78 23.38 4.02
N LYS A 281 8.31 23.54 2.80
CA LYS A 281 6.94 23.10 2.50
C LYS A 281 6.79 21.58 2.71
N ALA A 282 7.86 20.85 2.40
CA ALA A 282 7.85 19.39 2.54
C ALA A 282 7.70 19.05 4.01
N LEU A 283 8.46 19.76 4.86
CA LEU A 283 8.42 19.55 6.31
C LEU A 283 7.08 19.92 6.92
N ASP A 284 6.48 20.99 6.42
CA ASP A 284 5.16 21.39 6.86
C ASP A 284 4.15 20.30 6.55
N LEU A 285 4.16 19.81 5.34
CA LEU A 285 3.27 18.69 4.97
C LEU A 285 3.57 17.43 5.78
N LEU A 286 4.86 17.14 5.97
CA LEU A 286 5.28 16.01 6.81
C LEU A 286 4.65 16.08 8.20
N ASP A 287 4.76 17.24 8.83
CA ASP A 287 4.14 17.51 10.14
C ASP A 287 2.64 17.16 10.14
N LYS A 288 1.94 17.59 9.09
CA LYS A 288 0.50 17.39 9.01
C LYS A 288 0.09 15.92 8.81
N MET A 289 0.94 15.16 8.13
N MET A 289 0.94 15.17 8.10
CA MET A 289 0.73 13.75 7.96
CA MET A 289 0.74 13.76 7.88
C MET A 289 1.09 12.98 9.22
C MET A 289 1.14 12.93 9.13
N LEU A 290 2.19 13.34 9.86
CA LEU A 290 2.66 12.64 11.05
C LEU A 290 2.14 13.28 12.33
N THR A 291 0.85 13.59 12.34
CA THR A 291 0.16 14.15 13.44
C THR A 291 -0.39 12.96 14.24
N PHE A 292 -0.13 13.01 15.54
CA PHE A 292 -0.50 11.94 16.46
C PHE A 292 -2.01 11.66 16.48
N ASN A 293 -2.83 12.69 16.54
CA ASN A 293 -4.26 12.52 16.68
C ASN A 293 -4.81 12.25 15.27
N PRO A 294 -5.40 11.06 15.03
CA PRO A 294 -5.90 10.81 13.67
C PRO A 294 -7.01 11.77 13.20
N HIS A 295 -7.83 12.28 14.13
CA HIS A 295 -8.90 13.27 13.81
C HIS A 295 -8.31 14.65 13.36
N LYS A 296 -7.05 14.91 13.68
CA LYS A 296 -6.34 16.12 13.26
C LYS A 296 -5.37 15.93 12.09
N ARG A 297 -5.13 14.69 11.69
CA ARG A 297 -4.21 14.39 10.61
C ARG A 297 -4.80 14.84 9.28
N ILE A 298 -3.98 15.42 8.45
CA ILE A 298 -4.43 15.83 7.12
C ILE A 298 -5.03 14.65 6.34
N GLU A 299 -6.05 14.93 5.55
CA GLU A 299 -6.73 13.96 4.70
C GLU A 299 -6.12 14.09 3.30
N VAL A 300 -6.39 13.09 2.47
CA VAL A 300 -5.71 12.99 1.18
C VAL A 300 -5.93 14.19 0.25
N GLU A 301 -7.17 14.66 0.14
CA GLU A 301 -7.41 15.82 -0.74
C GLU A 301 -6.67 17.09 -0.26
N GLN A 302 -6.67 17.33 1.04
CA GLN A 302 -6.00 18.49 1.62
C GLN A 302 -4.47 18.31 1.47
N ALA A 303 -3.97 17.08 1.57
CA ALA A 303 -2.54 16.84 1.35
C ALA A 303 -2.16 17.19 -0.08
N LEU A 304 -3.00 16.75 -1.02
CA LEU A 304 -2.76 17.04 -2.42
C LEU A 304 -2.75 18.54 -2.72
N ALA A 305 -3.61 19.27 -1.97
CA ALA A 305 -3.78 20.71 -2.11
C ALA A 305 -2.76 21.55 -1.35
N HIS A 306 -1.89 20.93 -0.55
CA HIS A 306 -0.79 21.58 0.17
C HIS A 306 0.16 22.27 -0.80
N PRO A 307 0.72 23.42 -0.42
CA PRO A 307 1.70 24.15 -1.24
C PRO A 307 2.89 23.33 -1.79
N TYR A 308 3.29 22.26 -1.10
CA TYR A 308 4.44 21.46 -1.56
C TYR A 308 4.15 20.81 -2.91
N LEU A 309 2.88 20.54 -3.17
CA LEU A 309 2.46 19.79 -4.36
C LEU A 309 1.77 20.66 -5.39
N GLU A 310 1.85 21.99 -5.26
CA GLU A 310 1.03 22.89 -6.05
C GLU A 310 1.27 22.85 -7.57
N GLN A 311 2.47 22.44 -7.96
CA GLN A 311 2.77 22.30 -9.37
C GLN A 311 2.20 21.04 -10.02
N TYR A 312 1.66 20.12 -9.22
CA TYR A 312 1.04 18.92 -9.80
C TYR A 312 -0.45 18.81 -9.49
N TYR A 313 -0.92 19.51 -8.47
CA TYR A 313 -2.29 19.35 -8.03
C TYR A 313 -3.22 19.81 -9.11
N ASP A 314 -4.13 18.93 -9.54
CA ASP A 314 -5.07 19.27 -10.61
C ASP A 314 -6.31 18.37 -10.44
N PRO A 315 -7.32 18.85 -9.72
CA PRO A 315 -8.48 17.96 -9.51
C PRO A 315 -9.24 17.54 -10.76
N SER A 316 -9.01 18.16 -11.91
CA SER A 316 -9.60 17.68 -13.16
C SER A 316 -8.84 16.53 -13.81
N ASP A 317 -7.64 16.21 -13.32
CA ASP A 317 -6.86 15.07 -13.82
C ASP A 317 -6.50 14.11 -12.68
N GLU A 318 -7.42 13.95 -11.74
CA GLU A 318 -7.21 13.07 -10.58
C GLU A 318 -8.46 12.25 -10.37
N PRO A 319 -8.54 11.10 -11.06
CA PRO A 319 -9.77 10.32 -11.01
C PRO A 319 -10.08 9.80 -9.59
N ILE A 320 -11.38 9.69 -9.32
CA ILE A 320 -11.91 9.04 -8.13
C ILE A 320 -12.73 7.84 -8.59
N ALA A 321 -13.15 6.97 -7.67
CA ALA A 321 -13.80 5.75 -8.10
C ALA A 321 -15.21 6.05 -8.54
N GLU A 322 -15.61 5.55 -9.71
CA GLU A 322 -16.99 5.72 -10.21
C GLU A 322 -17.98 5.14 -9.23
N ALA A 323 -17.68 3.92 -8.74
CA ALA A 323 -18.58 3.14 -7.91
C ALA A 323 -17.91 2.70 -6.61
N PRO A 324 -17.92 3.54 -5.56
CA PRO A 324 -17.30 3.16 -4.28
C PRO A 324 -17.81 1.83 -3.75
N PHE A 325 -16.95 1.04 -3.10
CA PHE A 325 -17.37 -0.21 -2.47
C PHE A 325 -18.31 0.08 -1.30
N LYS A 326 -19.30 -0.78 -1.09
CA LYS A 326 -20.22 -0.63 0.07
C LYS A 326 -20.09 -1.85 1.01
N PHE A 327 -20.81 -1.77 2.14
CA PHE A 327 -20.80 -2.79 3.22
C PHE A 327 -21.03 -4.23 2.73
N ASP A 328 -21.90 -4.43 1.72
CA ASP A 328 -22.08 -5.73 1.02
C ASP A 328 -20.77 -6.52 0.78
N MET A 329 -19.74 -5.81 0.29
CA MET A 329 -18.46 -6.38 -0.14
C MET A 329 -17.52 -6.71 1.03
N GLU A 330 -17.98 -6.54 2.26
CA GLU A 330 -17.16 -6.74 3.44
C GLU A 330 -17.48 -8.01 4.23
N LEU A 331 -18.66 -8.60 4.04
CA LEU A 331 -19.01 -9.82 4.78
C LEU A 331 -18.33 -10.98 4.07
N ASP A 332 -17.03 -11.10 4.34
CA ASP A 332 -16.16 -12.15 3.83
C ASP A 332 -15.62 -12.96 5.00
N ASP A 333 -16.28 -12.88 6.17
CA ASP A 333 -15.83 -13.71 7.25
C ASP A 333 -16.54 -15.07 7.21
N LEU A 334 -16.02 -15.93 6.36
CA LEU A 334 -16.70 -17.09 5.88
C LEU A 334 -15.77 -18.26 5.99
N PRO A 335 -16.33 -19.46 6.09
CA PRO A 335 -15.46 -20.63 6.02
C PRO A 335 -14.60 -20.63 4.74
N LYS A 336 -13.37 -21.12 4.88
CA LYS A 336 -12.39 -21.10 3.80
C LYS A 336 -12.81 -21.89 2.54
N GLU A 337 -13.73 -22.84 2.68
CA GLU A 337 -14.27 -23.55 1.52
C GLU A 337 -15.18 -22.60 0.72
N LYS A 338 -15.93 -21.74 1.40
CA LYS A 338 -16.85 -20.84 0.73
C LYS A 338 -16.03 -19.73 0.01
N LEU A 339 -15.01 -19.24 0.69
CA LEU A 339 -14.09 -18.30 0.12
C LEU A 339 -13.42 -18.87 -1.14
N LYS A 340 -13.03 -20.14 -1.10
CA LYS A 340 -12.53 -20.80 -2.31
C LYS A 340 -13.52 -20.76 -3.46
N GLU A 341 -14.77 -21.10 -3.18
CA GLU A 341 -15.84 -20.93 -4.18
C GLU A 341 -15.91 -19.50 -4.71
N LEU A 342 -15.86 -18.52 -3.84
CA LEU A 342 -15.90 -17.12 -4.28
C LEU A 342 -14.66 -16.66 -5.11
N ILE A 343 -13.47 -17.17 -4.78
CA ILE A 343 -12.25 -16.92 -5.56
C ILE A 343 -12.33 -17.55 -6.96
N PHE A 344 -12.85 -18.75 -7.03
CA PHE A 344 -13.11 -19.42 -8.29
C PHE A 344 -14.05 -18.59 -9.16
N GLU A 345 -15.17 -18.14 -8.58
CA GLU A 345 -16.14 -17.33 -9.32
C GLU A 345 -15.50 -16.06 -9.83
N GLU A 346 -14.73 -15.38 -8.99
CA GLU A 346 -14.15 -14.07 -9.31
C GLU A 346 -13.06 -14.13 -10.39
N THR A 347 -12.40 -15.28 -10.49
CA THR A 347 -11.36 -15.49 -11.46
C THR A 347 -11.87 -16.10 -12.79
N ALA A 348 -13.17 -16.41 -12.88
CA ALA A 348 -13.74 -17.19 -14.00
C ALA A 348 -13.69 -16.43 -15.31
N ARG A 349 -13.86 -15.13 -15.20
CA ARG A 349 -13.71 -14.25 -16.34
C ARG A 349 -12.41 -14.42 -17.16
N PHE A 350 -11.34 -14.95 -16.57
CA PHE A 350 -10.10 -15.23 -17.28
C PHE A 350 -9.98 -16.66 -17.83
N GLN A 351 -11.06 -17.44 -17.75
CA GLN A 351 -11.05 -18.84 -18.24
C GLN A 351 -11.68 -18.93 -19.64
N PRO A 352 -11.17 -19.81 -20.50
CA PRO A 352 -10.05 -20.72 -20.23
C PRO A 352 -8.72 -20.02 -20.42
N GLY A 353 -7.67 -20.56 -19.81
CA GLY A 353 -6.31 -20.09 -20.06
C GLY A 353 -5.74 -20.99 -21.14
N TYR A 354 -4.57 -20.62 -21.69
CA TYR A 354 -3.88 -21.44 -22.70
C TYR A 354 -3.42 -22.79 -22.09
N ARG A 355 -3.52 -23.85 -22.91
CA ARG A 355 -3.17 -25.26 -22.58
C ARG A 355 -2.32 -25.47 -21.33
N THR B 1 20.38 -0.14 -8.68
CA THR B 1 19.22 0.17 -9.53
C THR B 1 19.68 1.25 -10.55
N ALA B 2 19.91 2.46 -10.06
CA ALA B 2 20.49 3.55 -10.84
C ALA B 2 19.61 4.07 -11.98
N GLN B 3 20.09 5.13 -12.61
CA GLN B 3 19.60 5.60 -13.91
C GLN B 3 18.16 6.11 -13.82
N LEU B 4 17.92 7.04 -12.91
CA LEU B 4 16.60 7.66 -12.77
C LEU B 4 16.53 8.86 -13.72
N LYS B 5 15.55 8.84 -14.60
CA LYS B 5 15.45 9.84 -15.64
C LYS B 5 14.85 11.16 -15.12
N PRO B 6 14.96 12.24 -15.92
CA PRO B 6 14.13 13.42 -15.71
C PRO B 6 12.62 13.11 -15.62
N ILE B 7 11.99 13.77 -14.67
CA ILE B 7 10.54 13.80 -14.48
C ILE B 7 9.75 14.11 -15.78
N GLU B 8 10.35 14.93 -16.65
CA GLU B 8 9.79 15.31 -17.98
C GLU B 8 9.39 14.09 -18.79
N SER B 9 10.19 13.02 -18.67
CA SER B 9 9.98 11.76 -19.37
C SER B 9 9.11 10.82 -18.55
N SER B 10 7.95 11.31 -18.11
CA SER B 10 6.95 10.55 -17.38
C SER B 10 5.69 10.61 -18.23
N ILE B 11 4.98 9.49 -18.33
CA ILE B 11 3.73 9.40 -19.09
C ILE B 11 2.75 10.50 -18.60
N LEU B 12 2.65 10.63 -17.26
CA LEU B 12 1.74 11.56 -16.59
C LEU B 12 2.11 13.02 -16.90
N ALA B 13 3.37 13.40 -16.68
CA ALA B 13 3.87 14.72 -17.10
C ALA B 13 3.59 15.03 -18.58
N GLN B 14 3.91 14.09 -19.46
CA GLN B 14 3.85 14.27 -20.95
C GLN B 14 2.43 14.46 -21.53
N ARG B 15 1.46 13.71 -20.98
CA ARG B 15 0.02 13.90 -21.30
C ARG B 15 -0.46 15.34 -21.04
N ARG B 16 -0.07 15.90 -19.89
CA ARG B 16 -0.58 17.19 -19.40
C ARG B 16 -0.51 18.39 -20.37
N VAL B 17 0.38 18.35 -21.37
CA VAL B 17 0.43 19.34 -22.49
C VAL B 17 -0.91 19.63 -23.23
C1 GOL C . -1.64 -1.73 27.13
O1 GOL C . -0.67 -2.69 27.56
C2 GOL C . -1.39 -1.23 25.71
O2 GOL C . -0.01 -1.39 25.33
C3 GOL C . -2.25 -1.97 24.70
O3 GOL C . -3.54 -1.36 24.61
C1 GOL D . -11.38 12.21 -14.45
O1 GOL D . -10.16 12.65 -15.10
C2 GOL D . -12.05 13.41 -13.81
O2 GOL D . -13.38 13.08 -13.39
C3 GOL D . -11.23 13.87 -12.60
O3 GOL D . -11.90 14.95 -11.94
C1 GOL E . -19.34 -5.40 10.56
O1 GOL E . -18.37 -6.08 11.36
C2 GOL E . -20.37 -4.67 11.41
O2 GOL E . -21.01 -5.57 12.31
C3 GOL E . -19.71 -3.52 12.17
O3 GOL E . -20.03 -2.28 11.52
C1 FRZ F . 4.78 -7.08 -1.94
C2 FRZ F . 3.79 -7.86 -2.59
N3 FRZ F . 3.86 -7.99 -3.94
C4 FRZ F . 4.82 -7.37 -4.63
C5 FRZ F . 5.81 -6.58 -4.07
C6 FRZ F . 5.80 -6.44 -2.66
N7 FRZ F . 2.93 -8.70 -4.68
C8 FRZ F . 3.33 -8.55 -5.97
C9 FRZ F . 4.56 -7.72 -6.02
C10 FRZ F . 5.36 -7.29 -7.17
C11 FRZ F . 2.67 -9.13 -7.13
C12 FRZ F . 3.37 -9.64 -8.24
C13 FRZ F . 2.66 -10.17 -9.34
C14 FRZ F . 1.29 -10.16 -9.34
C15 FRZ F . 0.60 -9.60 -8.25
C16 FRZ F . 1.26 -9.09 -7.15
C22 FRZ F . 4.80 -6.75 -8.27
C23 FRZ F . 5.64 -6.39 -9.29
C24 FRZ F . 7.08 -6.60 -9.21
N25 FRZ F . 7.59 -7.18 -8.11
N26 FRZ F . 6.67 -7.54 -7.11
C27 FRZ F . 5.51 -5.74 -10.59
N28 FRZ F . 6.65 -5.58 -11.22
N29 FRZ F . 7.58 -6.10 -10.33
N30 FRZ F . 4.37 -5.38 -11.13
C1 90A G . 12.31 -5.64 -9.57
C2 90A G . 13.38 -6.70 -9.81
C3 90A G . 9.91 -5.56 -9.93
C4 90A G . 15.50 -6.98 -10.89
C5 90A G . 16.56 -6.18 -11.64
O4 90A G . 9.61 -4.76 -9.07
C6 90A G . 8.92 -6.12 -10.83
N1 90A G . 11.11 -6.01 -10.26
O3 90A G . 14.50 -6.07 -10.43
O6 90A G . 16.23 -6.15 -13.02
C7 90A G . 17.33 -5.76 -13.85
C8 90A G . 17.56 -4.24 -13.76
O9 90A G . 18.65 -3.93 -12.88
C10 90A G . 19.54 -2.92 -13.37
C11 90A G . 20.53 -2.53 -12.28
O12 90A G . 20.62 -3.52 -11.25
C13 90A G . 21.39 -3.14 -10.10
C14 90A G . 20.46 -2.66 -8.97
C15 90A G . 20.97 -1.32 -8.46
O16 90A G . 22.00 -1.38 -7.80
#